data_3RZH
#
_entry.id   3RZH
#
_cell.length_a   78.116
_cell.length_b   78.116
_cell.length_c   229.949
_cell.angle_alpha   90.00
_cell.angle_beta   90.00
_cell.angle_gamma   120.00
#
_symmetry.space_group_name_H-M   'P 65 2 2'
#
loop_
_entity.id
_entity.type
_entity.pdbx_description
1 polymer 'Alpha-ketoglutarate-dependent dioxygenase alkB homolog 2'
2 polymer "5'-D(*CP*TP*GP*TP*CP*TP*(ME6)P*AP*CP*TP*GP*CP*G)-3'"
3 polymer "5'-D(*TP*CP*GP*CP*AP*GP*TP*GP*AP*GP*AP*CP*A)-3'"
4 non-polymer propane-1-thiol
5 water water
#
loop_
_entity_poly.entity_id
_entity_poly.type
_entity_poly.pdbx_seq_one_letter_code
_entity_poly.pdbx_strand_id
1 'polypeptide(L)'
;GSHSWRHIRAEGLDSSYTVLFGKAEADEIFQELEKEVEYFTGALARVQVFGKWHSVPRKQATYGDAGLTYTFSGLTLSPK
PWIPVLERIRDHVSGVTGQTFNFVLINRYKDGSDHICEHRDDERELAPGSPIASVSFGASRDFVFRHKDSRGKSPSRRVA
VVRLPLAHGSLLMMNHPTNTHWYHSLPVRKKVLAPRVNLTFRKILLTKK
;
A
2 'polydeoxyribonucleotide' (DC)(DT)(DG)(DT)(DC)(DT)(ME6)(DA)(DC)(DT)(DG)(DC)(DG) B
3 'polydeoxyribonucleotide' (DT)(DC)(DG)(DC)(DA)(DG)(DT)(DG)(DA)(DG)(DA)(DC)(DA) C
#
loop_
_chem_comp.id
_chem_comp.type
_chem_comp.name
_chem_comp.formula
DA DNA linking 2'-DEOXYADENOSINE-5'-MONOPHOSPHATE 'C10 H14 N5 O6 P'
DC DNA linking 2'-DEOXYCYTIDINE-5'-MONOPHOSPHATE 'C9 H14 N3 O7 P'
DG DNA linking 2'-DEOXYGUANOSINE-5'-MONOPHOSPHATE 'C10 H14 N5 O7 P'
DT DNA linking THYMIDINE-5'-MONOPHOSPHATE 'C10 H15 N2 O8 P'
ME6 DNA linking '[(2R,3S,5R)-5-(4-azanyl-3-methyl-2-oxo-pyrimidin-3-ium-1-yl)-3-hydroxy-oxolan-2-yl]methyl dihydrogen phosphate' 'C10 H17 N3 O7 P 1'
XL3 non-polymer propane-1-thiol 'C3 H8 S'
#
# COMPACT_ATOMS: atom_id res chain seq x y z
N HIS A 3 19.18 6.01 0.43
CA HIS A 3 20.39 5.70 1.17
C HIS A 3 20.38 6.08 2.64
N SER A 4 19.55 7.04 3.02
CA SER A 4 19.28 7.26 4.41
C SER A 4 17.89 6.67 4.74
N TRP A 5 17.87 5.56 5.46
CA TRP A 5 16.63 4.91 5.79
C TRP A 5 16.34 5.00 7.26
N ARG A 6 15.14 5.34 7.65
CA ARG A 6 14.72 5.12 9.03
C ARG A 6 14.30 3.66 9.09
N HIS A 7 14.83 2.94 10.07
CA HIS A 7 14.52 1.54 10.22
C HIS A 7 13.49 1.37 11.31
N ILE A 8 12.51 0.52 11.02
CA ILE A 8 11.40 0.31 11.92
C ILE A 8 11.46 -1.16 12.28
N ARG A 9 11.90 -1.45 13.50
CA ARG A 9 12.06 -2.82 13.99
C ARG A 9 11.41 -3.06 15.35
N ALA A 10 10.81 -4.24 15.48
CA ALA A 10 10.31 -4.81 16.73
C ALA A 10 10.25 -6.31 16.44
N GLU A 11 9.80 -7.10 17.41
CA GLU A 11 9.73 -8.55 17.24
C GLU A 11 8.84 -8.90 16.02
N GLY A 12 9.47 -9.47 14.99
CA GLY A 12 8.77 -9.85 13.76
C GLY A 12 8.54 -8.71 12.78
N LEU A 13 9.06 -7.53 13.11
CA LEU A 13 8.84 -6.31 12.31
C LEU A 13 10.15 -5.87 11.68
N ASP A 14 10.20 -5.91 10.35
CA ASP A 14 11.33 -5.40 9.60
C ASP A 14 10.84 -4.48 8.47
N SER A 15 10.80 -3.19 8.73
CA SER A 15 10.42 -2.21 7.72
C SER A 15 11.40 -1.06 7.63
N SER A 16 11.37 -0.37 6.49
CA SER A 16 12.27 0.75 6.21
C SER A 16 11.53 1.90 5.54
N TYR A 17 11.81 3.11 6.01
CA TYR A 17 11.13 4.30 5.54
C TYR A 17 12.13 5.34 5.04
N THR A 18 11.87 5.89 3.84
CA THR A 18 12.69 6.96 3.27
C THR A 18 11.87 7.88 2.36
N VAL A 19 12.39 9.07 2.11
CA VAL A 19 11.72 9.99 1.20
C VAL A 19 12.45 9.95 -0.14
N LEU A 20 11.75 9.53 -1.19
CA LEU A 20 12.34 9.36 -2.52
C LEU A 20 12.37 10.63 -3.35
N PHE A 21 11.32 11.42 -3.25
CA PHE A 21 11.12 12.53 -4.15
C PHE A 21 10.94 13.82 -3.35
N GLY A 22 11.47 14.93 -3.85
CA GLY A 22 11.17 16.21 -3.26
C GLY A 22 9.78 16.64 -3.65
N LYS A 23 9.36 17.80 -3.14
CA LYS A 23 7.98 18.27 -3.29
C LYS A 23 7.56 18.47 -4.75
N ALA A 24 8.40 19.15 -5.53
CA ALA A 24 8.05 19.49 -6.91
C ALA A 24 7.89 18.24 -7.77
N GLU A 25 8.82 17.30 -7.62
CA GLU A 25 8.73 16.05 -8.36
C GLU A 25 7.53 15.22 -7.87
N ALA A 26 7.38 15.12 -6.55
CA ALA A 26 6.25 14.38 -5.98
C ALA A 26 4.90 14.95 -6.47
N ASP A 27 4.77 16.28 -6.50
CA ASP A 27 3.55 16.96 -6.96
C ASP A 27 3.23 16.58 -8.40
N GLU A 28 4.25 16.64 -9.26
CA GLU A 28 4.15 16.22 -10.66
C GLU A 28 3.73 14.77 -10.83
N ILE A 29 4.30 13.86 -10.04
CA ILE A 29 3.91 12.46 -10.10
C ILE A 29 2.45 12.31 -9.65
N PHE A 30 2.09 12.98 -8.56
CA PHE A 30 0.73 12.96 -8.04
C PHE A 30 -0.30 13.44 -9.07
N GLN A 31 -0.03 14.57 -9.72
N GLN A 31 -0.06 14.58 -9.71
CA GLN A 31 -0.92 15.13 -10.75
CA GLN A 31 -0.98 15.10 -10.73
C GLN A 31 -1.08 14.16 -11.91
C GLN A 31 -1.11 14.11 -11.90
N GLU A 32 0.00 13.46 -12.24
CA GLU A 32 -0.05 12.45 -13.28
C GLU A 32 -0.88 11.21 -12.89
N LEU A 33 -0.70 10.75 -11.65
CA LEU A 33 -1.50 9.65 -11.12
C LEU A 33 -2.98 10.02 -11.12
N GLU A 34 -3.28 11.22 -10.67
CA GLU A 34 -4.65 11.74 -10.66
C GLU A 34 -5.26 11.77 -12.06
N LYS A 35 -4.46 12.14 -13.04
CA LYS A 35 -4.96 12.25 -14.40
C LYS A 35 -5.07 10.87 -15.06
N GLU A 36 -4.16 9.97 -14.73
CA GLU A 36 -4.00 8.72 -15.49
C GLU A 36 -4.59 7.45 -14.88
N VAL A 37 -4.62 7.34 -13.56
CA VAL A 37 -5.07 6.09 -12.91
C VAL A 37 -6.60 5.88 -13.07
N GLU A 38 -7.01 4.67 -13.51
CA GLU A 38 -8.44 4.29 -13.52
C GLU A 38 -8.76 3.30 -12.40
N TYR A 39 -9.70 3.70 -11.56
CA TYR A 39 -10.08 2.96 -10.38
C TYR A 39 -11.29 2.06 -10.67
N PHE A 40 -11.32 0.90 -10.02
CA PHE A 40 -12.42 -0.02 -10.15
C PHE A 40 -13.65 0.59 -9.54
N THR A 41 -14.82 0.21 -10.08
CA THR A 41 -16.11 0.66 -9.56
C THR A 41 -17.08 -0.51 -9.36
N GLY A 42 -18.21 -0.25 -8.72
CA GLY A 42 -19.34 -1.20 -8.68
C GLY A 42 -18.97 -2.53 -8.07
N ALA A 43 -19.13 -3.60 -8.83
CA ALA A 43 -18.89 -4.98 -8.36
C ALA A 43 -17.43 -5.27 -8.02
N LEU A 44 -16.52 -4.51 -8.63
CA LEU A 44 -15.11 -4.72 -8.38
C LEU A 44 -14.60 -3.80 -7.26
N ALA A 45 -15.55 -3.21 -6.53
CA ALA A 45 -15.22 -2.33 -5.40
C ALA A 45 -15.96 -2.78 -4.12
N ARG A 46 -16.36 -4.04 -4.07
CA ARG A 46 -17.05 -4.60 -2.89
C ARG A 46 -16.28 -5.79 -2.37
N VAL A 47 -16.09 -5.81 -1.05
CA VAL A 47 -15.38 -6.87 -0.36
C VAL A 47 -16.30 -7.50 0.71
N GLN A 48 -15.96 -8.72 1.12
CA GLN A 48 -16.73 -9.45 2.12
C GLN A 48 -15.85 -9.63 3.35
N VAL A 49 -16.32 -9.17 4.50
CA VAL A 49 -15.55 -9.31 5.75
C VAL A 49 -16.51 -9.61 6.85
N PHE A 50 -16.19 -10.62 7.69
CA PHE A 50 -17.09 -11.04 8.78
C PHE A 50 -18.50 -11.38 8.33
N GLY A 51 -18.60 -11.92 7.10
CA GLY A 51 -19.88 -12.34 6.57
C GLY A 51 -20.71 -11.26 5.90
N LYS A 52 -20.20 -10.04 5.82
CA LYS A 52 -20.98 -8.94 5.24
C LYS A 52 -20.21 -8.33 4.08
N TRP A 53 -20.96 -7.87 3.07
CA TRP A 53 -20.39 -7.20 1.91
C TRP A 53 -20.39 -5.68 2.10
N HIS A 54 -19.29 -5.04 1.73
CA HIS A 54 -19.16 -3.59 1.90
C HIS A 54 -18.52 -3.00 0.66
N SER A 55 -18.92 -1.78 0.31
CA SER A 55 -18.18 -1.00 -0.67
C SER A 55 -16.91 -0.51 0.04
N VAL A 56 -15.77 -0.48 -0.63
CA VAL A 56 -14.54 -0.12 0.10
C VAL A 56 -14.53 1.40 0.33
N PRO A 57 -14.15 1.83 1.53
CA PRO A 57 -14.14 3.27 1.84
C PRO A 57 -12.97 4.09 1.25
N ARG A 58 -12.69 3.89 -0.04
CA ARG A 58 -11.57 4.48 -0.75
C ARG A 58 -11.78 4.05 -2.20
N LYS A 59 -10.83 4.32 -3.09
CA LYS A 59 -10.86 3.73 -4.44
C LYS A 59 -9.63 2.85 -4.61
N GLN A 60 -9.79 1.74 -5.32
CA GLN A 60 -8.69 0.81 -5.59
C GLN A 60 -8.49 0.58 -7.10
N ALA A 61 -7.25 0.33 -7.49
CA ALA A 61 -6.88 -0.02 -8.87
C ALA A 61 -5.72 -1.00 -8.82
N THR A 62 -5.64 -1.86 -9.84
CA THR A 62 -4.50 -2.76 -9.94
C THR A 62 -3.91 -2.72 -11.35
N TYR A 63 -2.59 -2.68 -11.42
CA TYR A 63 -1.85 -2.74 -12.68
C TYR A 63 -0.75 -3.76 -12.48
N GLY A 64 -0.32 -4.42 -13.56
CA GLY A 64 0.75 -5.42 -13.51
C GLY A 64 0.88 -6.23 -14.80
N ASP A 65 1.83 -7.18 -14.83
CA ASP A 65 2.03 -8.05 -16.00
C ASP A 65 0.78 -8.87 -16.31
N ALA A 66 0.53 -9.12 -17.60
CA ALA A 66 -0.62 -9.90 -18.05
C ALA A 66 -0.66 -11.28 -17.42
N GLY A 67 -1.88 -11.76 -17.14
CA GLY A 67 -2.10 -13.09 -16.60
C GLY A 67 -2.20 -13.24 -15.09
N LEU A 68 -1.65 -12.29 -14.33
CA LEU A 68 -1.65 -12.38 -12.87
C LEU A 68 -3.01 -11.96 -12.32
N THR A 69 -3.36 -12.46 -11.13
CA THR A 69 -4.54 -11.95 -10.39
C THR A 69 -4.19 -11.75 -8.93
N TYR A 70 -4.99 -10.92 -8.26
CA TYR A 70 -4.84 -10.69 -6.84
C TYR A 70 -6.23 -10.76 -6.19
N THR A 71 -6.37 -11.68 -5.24
CA THR A 71 -7.63 -11.92 -4.57
C THR A 71 -7.49 -11.67 -3.07
N PHE A 72 -8.34 -10.81 -2.51
CA PHE A 72 -8.39 -10.67 -1.07
C PHE A 72 -9.83 -10.33 -0.69
N SER A 73 -10.26 -10.79 0.48
CA SER A 73 -11.58 -10.46 1.02
C SER A 73 -12.73 -10.74 0.03
N GLY A 74 -12.69 -11.91 -0.62
CA GLY A 74 -13.72 -12.28 -1.60
C GLY A 74 -13.75 -11.45 -2.88
N LEU A 75 -12.75 -10.60 -3.08
CA LEU A 75 -12.67 -9.77 -4.28
C LEU A 75 -11.45 -10.17 -5.13
N THR A 76 -11.67 -10.41 -6.43
CA THR A 76 -10.57 -10.75 -7.34
C THR A 76 -10.31 -9.60 -8.31
N LEU A 77 -9.11 -9.04 -8.27
CA LEU A 77 -8.75 -7.91 -9.14
C LEU A 77 -7.75 -8.30 -10.22
N SER A 78 -8.02 -7.88 -11.45
CA SER A 78 -7.13 -8.16 -12.56
C SER A 78 -6.36 -6.91 -12.93
N PRO A 79 -5.08 -7.07 -13.30
CA PRO A 79 -4.23 -5.93 -13.63
C PRO A 79 -4.61 -5.30 -14.96
N LYS A 80 -4.61 -3.98 -15.00
CA LYS A 80 -4.56 -3.27 -16.27
C LYS A 80 -3.09 -3.22 -16.68
N PRO A 81 -2.79 -3.16 -18.00
CA PRO A 81 -1.40 -2.99 -18.44
C PRO A 81 -0.72 -1.76 -17.83
N TRP A 82 0.56 -1.90 -17.51
CA TRP A 82 1.41 -0.80 -17.03
C TRP A 82 1.24 0.46 -17.88
N ILE A 83 1.28 1.61 -17.23
CA ILE A 83 1.26 2.89 -17.93
C ILE A 83 2.52 3.65 -17.51
N PRO A 84 2.92 4.67 -18.32
CA PRO A 84 4.24 5.27 -18.06
C PRO A 84 4.53 5.72 -16.62
N VAL A 85 3.61 6.44 -15.98
CA VAL A 85 3.87 6.96 -14.63
C VAL A 85 4.11 5.83 -13.60
N LEU A 86 3.47 4.69 -13.82
CA LEU A 86 3.62 3.54 -12.94
C LEU A 86 4.96 2.85 -13.16
N GLU A 87 5.36 2.67 -14.42
CA GLU A 87 6.66 2.06 -14.73
C GLU A 87 7.80 2.91 -14.18
N ARG A 88 7.66 4.23 -14.30
CA ARG A 88 8.62 5.18 -13.77
C ARG A 88 8.86 4.94 -12.27
N ILE A 89 7.77 4.91 -11.50
CA ILE A 89 7.84 4.70 -10.04
C ILE A 89 8.41 3.33 -9.71
N ARG A 90 7.93 2.31 -10.41
CA ARG A 90 8.41 0.94 -10.24
C ARG A 90 9.91 0.84 -10.50
N ASP A 91 10.36 1.43 -11.61
CA ASP A 91 11.78 1.43 -11.98
C ASP A 91 12.65 2.19 -10.97
N HIS A 92 12.16 3.33 -10.49
CA HIS A 92 12.92 4.07 -9.50
C HIS A 92 13.07 3.23 -8.23
N VAL A 93 11.97 2.60 -7.81
CA VAL A 93 11.95 1.80 -6.58
C VAL A 93 12.85 0.55 -6.71
N SER A 94 12.80 -0.10 -7.87
CA SER A 94 13.72 -1.21 -8.14
C SER A 94 15.17 -0.78 -8.11
N GLY A 95 15.45 0.40 -8.68
CA GLY A 95 16.81 0.93 -8.69
C GLY A 95 17.35 1.10 -7.29
N VAL A 96 16.56 1.71 -6.42
CA VAL A 96 16.99 2.08 -5.08
C VAL A 96 17.04 0.91 -4.09
N THR A 97 16.23 -0.12 -4.34
CA THR A 97 16.11 -1.26 -3.42
C THR A 97 16.79 -2.53 -3.96
N GLY A 98 17.01 -2.59 -5.26
CA GLY A 98 17.47 -3.82 -5.89
C GLY A 98 16.41 -4.91 -5.98
N GLN A 99 15.18 -4.59 -5.58
CA GLN A 99 14.07 -5.54 -5.65
C GLN A 99 13.25 -5.30 -6.92
N THR A 100 12.58 -6.34 -7.40
CA THR A 100 11.72 -6.22 -8.59
C THR A 100 10.27 -6.50 -8.23
N PHE A 101 9.35 -5.98 -9.05
CA PHE A 101 7.90 -6.06 -8.78
C PHE A 101 7.15 -6.23 -10.10
N ASN A 102 6.09 -7.04 -10.09
CA ASN A 102 5.31 -7.29 -11.31
C ASN A 102 3.82 -6.96 -11.16
N PHE A 103 3.49 -6.22 -10.10
CA PHE A 103 2.10 -5.94 -9.77
C PHE A 103 2.05 -4.76 -8.83
N VAL A 104 1.03 -3.92 -8.96
CA VAL A 104 0.86 -2.82 -8.00
C VAL A 104 -0.62 -2.67 -7.66
N LEU A 105 -0.92 -2.52 -6.36
CA LEU A 105 -2.24 -2.15 -5.88
C LEU A 105 -2.26 -0.67 -5.50
N ILE A 106 -3.19 0.08 -6.08
CA ILE A 106 -3.28 1.51 -5.82
C ILE A 106 -4.53 1.83 -5.02
N ASN A 107 -4.32 2.50 -3.89
CA ASN A 107 -5.39 2.92 -3.03
C ASN A 107 -5.46 4.44 -2.99
N ARG A 108 -6.63 5.02 -3.26
CA ARG A 108 -6.78 6.46 -3.18
C ARG A 108 -7.76 6.86 -2.09
N TYR A 109 -7.31 7.70 -1.17
CA TYR A 109 -8.13 8.14 -0.05
C TYR A 109 -8.48 9.59 -0.32
N LYS A 110 -9.75 9.87 -0.60
CA LYS A 110 -10.15 11.20 -1.06
C LYS A 110 -9.92 12.26 0.01
N ASP A 111 -9.99 11.83 1.26
CA ASP A 111 -9.77 12.67 2.42
C ASP A 111 -9.64 11.77 3.63
N GLY A 112 -9.64 12.36 4.82
CA GLY A 112 -9.36 11.63 6.04
C GLY A 112 -10.41 10.62 6.50
N SER A 113 -11.59 10.67 5.88
CA SER A 113 -12.68 9.72 6.12
C SER A 113 -12.53 8.42 5.36
N ASP A 114 -11.87 8.48 4.21
CA ASP A 114 -11.49 7.28 3.50
C ASP A 114 -10.35 6.69 4.33
N HIS A 115 -10.27 5.37 4.39
CA HIS A 115 -9.35 4.69 5.28
C HIS A 115 -9.22 3.25 4.80
N ILE A 116 -8.38 2.48 5.46
CA ILE A 116 -8.31 1.03 5.22
C ILE A 116 -8.18 0.30 6.53
N CYS A 117 -9.05 -0.67 6.77
CA CYS A 117 -9.03 -1.45 8.02
C CYS A 117 -7.81 -2.34 8.08
N GLU A 118 -7.49 -2.77 9.28
CA GLU A 118 -6.26 -3.49 9.50
C GLU A 118 -6.27 -4.86 8.84
N HIS A 119 -5.11 -5.25 8.33
CA HIS A 119 -4.97 -6.56 7.70
C HIS A 119 -3.51 -6.86 7.55
N ARG A 120 -3.25 -8.07 7.08
CA ARG A 120 -1.94 -8.50 6.65
C ARG A 120 -2.00 -8.80 5.15
N ASP A 121 -0.93 -8.44 4.44
CA ASP A 121 -0.76 -8.87 3.05
C ASP A 121 -0.04 -10.20 3.08
N ASP A 122 -0.81 -11.28 3.19
CA ASP A 122 -0.23 -12.61 3.35
C ASP A 122 -0.83 -13.61 2.35
N GLU A 123 -1.46 -13.12 1.28
CA GLU A 123 -2.17 -14.01 0.36
C GLU A 123 -1.21 -15.05 -0.23
N ARG A 124 -1.75 -16.22 -0.56
CA ARG A 124 -0.95 -17.31 -1.09
C ARG A 124 -0.20 -16.96 -2.37
N GLU A 125 -0.75 -16.04 -3.17
CA GLU A 125 -0.15 -15.73 -4.47
C GLU A 125 1.01 -14.71 -4.45
N LEU A 126 1.32 -14.16 -3.28
CA LEU A 126 2.54 -13.38 -3.11
C LEU A 126 3.70 -14.34 -3.00
N ALA A 127 4.79 -14.05 -3.71
CA ALA A 127 6.01 -14.81 -3.62
C ALA A 127 6.44 -14.92 -2.16
N PRO A 128 6.82 -16.13 -1.71
CA PRO A 128 7.35 -16.28 -0.35
C PRO A 128 8.56 -15.37 -0.15
N GLY A 129 8.54 -14.60 0.92
CA GLY A 129 9.68 -13.76 1.29
C GLY A 129 9.81 -12.42 0.57
N SER A 130 9.00 -12.19 -0.47
CA SER A 130 9.12 -10.95 -1.24
C SER A 130 8.67 -9.76 -0.39
N PRO A 131 9.34 -8.61 -0.56
CA PRO A 131 8.90 -7.38 0.10
C PRO A 131 7.76 -6.68 -0.64
N ILE A 132 7.03 -5.84 0.08
CA ILE A 132 6.05 -4.93 -0.49
C ILE A 132 6.57 -3.49 -0.37
N ALA A 133 6.58 -2.78 -1.49
CA ALA A 133 7.04 -1.39 -1.49
C ALA A 133 5.84 -0.46 -1.52
N SER A 134 5.75 0.41 -0.52
CA SER A 134 4.61 1.31 -0.37
C SER A 134 5.00 2.76 -0.59
N VAL A 135 4.55 3.32 -1.71
CA VAL A 135 4.94 4.65 -2.14
C VAL A 135 3.73 5.53 -2.04
N SER A 136 3.89 6.69 -1.38
CA SER A 136 2.79 7.60 -1.08
C SER A 136 2.89 8.97 -1.70
N PHE A 137 1.76 9.47 -2.21
CA PHE A 137 1.67 10.82 -2.73
C PHE A 137 0.42 11.52 -2.24
N GLY A 138 0.53 12.84 -2.05
CA GLY A 138 -0.61 13.68 -1.67
C GLY A 138 -0.57 13.98 -0.19
N ALA A 139 -1.72 14.01 0.48
CA ALA A 139 -1.72 14.27 1.91
C ALA A 139 -0.90 13.24 2.68
N SER A 140 -0.17 13.70 3.67
CA SER A 140 0.44 12.82 4.65
C SER A 140 -0.68 12.17 5.50
N ARG A 141 -0.56 10.87 5.75
CA ARG A 141 -1.53 10.14 6.57
C ARG A 141 -0.79 9.18 7.50
N ASP A 142 -1.31 9.04 8.71
CA ASP A 142 -0.77 8.11 9.72
C ASP A 142 -1.05 6.67 9.32
N PHE A 143 -0.03 5.83 9.46
CA PHE A 143 -0.04 4.41 9.10
C PHE A 143 0.24 3.73 10.44
N VAL A 144 -0.37 2.58 10.69
CA VAL A 144 -0.23 1.95 11.98
C VAL A 144 0.10 0.46 11.84
N PHE A 145 1.15 0.03 12.53
CA PHE A 145 1.50 -1.39 12.62
C PHE A 145 1.05 -1.91 13.97
N ARG A 146 0.38 -3.05 13.99
CA ARG A 146 -0.09 -3.63 15.25
C ARG A 146 0.21 -5.11 15.29
N HIS A 147 0.81 -5.53 16.40
CA HIS A 147 1.24 -6.90 16.55
C HIS A 147 0.03 -7.83 16.73
N LYS A 148 0.08 -8.97 16.06
CA LYS A 148 -1.10 -9.86 15.98
C LYS A 148 -1.55 -10.49 17.31
N ASP A 149 -0.65 -10.58 18.29
CA ASP A 149 -1.06 -11.08 19.62
C ASP A 149 -1.10 -9.99 20.71
N SER A 150 -1.81 -8.90 20.38
CA SER A 150 -2.04 -7.78 21.31
C SER A 150 -3.48 -7.25 21.16
N ARG A 151 -4.23 -7.89 20.27
CA ARG A 151 -5.57 -7.43 19.89
C ARG A 151 -6.66 -8.11 20.73
N PRO A 155 -6.18 -9.02 26.04
CA PRO A 155 -5.43 -9.74 25.02
C PRO A 155 -4.17 -10.41 25.58
N SER A 156 -3.37 -11.03 24.70
CA SER A 156 -2.22 -11.85 25.11
C SER A 156 -0.98 -11.06 25.56
N ARG A 157 -0.44 -10.24 24.66
CA ARG A 157 0.85 -9.56 24.90
C ARG A 157 0.75 -8.03 24.81
N ARG A 158 1.50 -7.36 25.66
CA ARG A 158 1.43 -5.91 25.78
C ARG A 158 2.34 -5.19 24.75
N VAL A 159 2.47 -5.77 23.57
CA VAL A 159 3.36 -5.22 22.52
C VAL A 159 2.77 -3.94 21.94
N ALA A 160 3.55 -2.87 22.03
CA ALA A 160 3.15 -1.54 21.56
C ALA A 160 3.00 -1.46 20.03
N VAL A 161 1.95 -0.78 19.62
CA VAL A 161 1.74 -0.36 18.24
C VAL A 161 2.95 0.49 17.77
N VAL A 162 3.23 0.44 16.47
CA VAL A 162 4.16 1.37 15.83
C VAL A 162 3.37 2.28 14.89
N ARG A 163 3.52 3.59 15.09
CA ARG A 163 2.83 4.61 14.32
C ARG A 163 3.85 5.44 13.56
N LEU A 164 3.53 5.80 12.31
CA LEU A 164 4.29 6.83 11.62
C LEU A 164 3.51 7.52 10.52
N PRO A 165 3.77 8.82 10.33
CA PRO A 165 3.16 9.54 9.23
C PRO A 165 3.83 9.05 7.95
N LEU A 166 3.07 8.77 6.91
CA LEU A 166 3.69 8.51 5.60
C LEU A 166 3.53 9.77 4.74
N ALA A 167 4.66 10.43 4.46
CA ALA A 167 4.68 11.70 3.73
C ALA A 167 4.61 11.55 2.22
N HIS A 168 4.24 12.66 1.57
CA HIS A 168 4.30 12.90 0.13
C HIS A 168 5.67 12.48 -0.46
N GLY A 169 5.66 11.63 -1.48
CA GLY A 169 6.87 11.16 -2.14
C GLY A 169 7.73 10.18 -1.36
N SER A 170 7.15 9.49 -0.37
CA SER A 170 7.92 8.63 0.52
C SER A 170 7.79 7.17 0.12
N LEU A 171 8.71 6.35 0.61
CA LEU A 171 8.69 4.90 0.36
C LEU A 171 8.76 4.17 1.68
N LEU A 172 7.82 3.24 1.89
CA LEU A 172 7.86 2.34 3.03
C LEU A 172 8.07 0.90 2.55
N MET A 173 9.22 0.32 2.90
CA MET A 173 9.53 -1.05 2.54
C MET A 173 9.02 -1.94 3.66
N MET A 174 8.15 -2.88 3.33
CA MET A 174 7.70 -3.85 4.32
C MET A 174 8.30 -5.19 3.95
N ASN A 175 9.31 -5.58 4.68
CA ASN A 175 10.07 -6.78 4.43
C ASN A 175 9.56 -7.92 5.25
N HIS A 176 9.81 -9.13 4.77
CA HIS A 176 9.51 -10.35 5.51
C HIS A 176 10.27 -10.35 6.83
N PRO A 177 9.63 -10.71 7.90
CA PRO A 177 8.31 -11.30 7.96
C PRO A 177 7.22 -10.36 8.43
N THR A 178 7.36 -9.09 8.21
CA THR A 178 6.38 -8.14 8.69
C THR A 178 4.93 -8.61 8.56
N ASN A 179 4.58 -9.10 7.38
CA ASN A 179 3.23 -9.47 7.03
C ASN A 179 2.77 -10.80 7.60
N THR A 180 3.70 -11.55 8.20
CA THR A 180 3.32 -12.76 8.92
C THR A 180 2.83 -12.37 10.31
N HIS A 181 3.48 -11.36 10.89
CA HIS A 181 3.39 -11.10 12.34
C HIS A 181 2.64 -9.81 12.72
N TRP A 182 2.58 -8.84 11.81
CA TRP A 182 2.00 -7.53 12.09
C TRP A 182 0.87 -7.16 11.12
N TYR A 183 -0.18 -6.56 11.66
CA TYR A 183 -1.25 -6.01 10.87
C TYR A 183 -0.88 -4.57 10.59
N HIS A 184 -1.39 -4.03 9.49
CA HIS A 184 -1.28 -2.62 9.26
C HIS A 184 -2.60 -2.01 8.87
N SER A 185 -2.72 -0.69 9.05
CA SER A 185 -3.93 0.04 8.68
C SER A 185 -3.66 1.53 8.45
N LEU A 186 -4.60 2.20 7.79
CA LEU A 186 -4.57 3.64 7.65
C LEU A 186 -5.86 4.14 8.30
N PRO A 187 -5.82 4.50 9.59
CA PRO A 187 -7.05 4.92 10.28
C PRO A 187 -7.59 6.25 9.78
N VAL A 188 -8.89 6.43 10.02
CA VAL A 188 -9.58 7.69 9.81
C VAL A 188 -8.86 8.83 10.54
N ARG A 189 -8.72 9.95 9.82
CA ARG A 189 -8.13 11.15 10.36
C ARG A 189 -8.99 12.31 9.87
N LYS A 190 -10.04 12.62 10.63
CA LYS A 190 -11.07 13.58 10.18
C LYS A 190 -10.55 14.95 9.74
N LYS A 191 -9.44 15.39 10.32
CA LYS A 191 -8.86 16.69 10.00
C LYS A 191 -8.16 16.74 8.63
N VAL A 192 -7.87 15.58 8.05
CA VAL A 192 -7.24 15.58 6.72
C VAL A 192 -8.30 15.81 5.66
N LEU A 193 -8.07 16.83 4.83
CA LEU A 193 -9.05 17.26 3.84
C LEU A 193 -8.64 16.95 2.41
N ALA A 194 -7.34 16.70 2.21
CA ALA A 194 -6.80 16.51 0.87
C ALA A 194 -6.64 15.02 0.53
N PRO A 195 -6.65 14.68 -0.79
CA PRO A 195 -6.49 13.28 -1.15
C PRO A 195 -5.06 12.73 -1.00
N ARG A 196 -4.96 11.40 -0.99
CA ARG A 196 -3.70 10.72 -0.88
C ARG A 196 -3.77 9.51 -1.81
N VAL A 197 -2.69 9.26 -2.57
CA VAL A 197 -2.63 8.09 -3.43
C VAL A 197 -1.51 7.21 -2.95
N ASN A 198 -1.78 5.92 -2.75
CA ASN A 198 -0.77 5.01 -2.23
C ASN A 198 -0.59 3.83 -3.17
N LEU A 199 0.65 3.52 -3.50
CA LEU A 199 0.96 2.40 -4.37
C LEU A 199 1.74 1.34 -3.60
N THR A 200 1.24 0.10 -3.59
CA THR A 200 1.98 -0.99 -2.99
C THR A 200 2.36 -2.00 -4.07
N PHE A 201 3.65 -1.97 -4.42
CA PHE A 201 4.23 -2.82 -5.45
C PHE A 201 4.52 -4.15 -4.80
N ARG A 202 4.10 -5.21 -5.47
CA ARG A 202 4.20 -6.55 -4.95
C ARG A 202 4.80 -7.46 -6.03
N LYS A 203 5.29 -8.62 -5.61
CA LYS A 203 5.74 -9.65 -6.54
C LYS A 203 4.75 -10.82 -6.47
N ILE A 204 4.02 -11.04 -7.56
CA ILE A 204 2.93 -12.02 -7.60
C ILE A 204 3.33 -13.31 -8.33
N LEU A 205 2.91 -14.44 -7.75
CA LEU A 205 3.09 -15.77 -8.33
C LEU A 205 2.06 -16.08 -9.41
N LEU A 206 2.56 -16.38 -10.61
CA LEU A 206 1.75 -16.65 -11.81
C LEU A 206 0.69 -17.74 -11.63
O2 ME6 B 7 -6.91 -4.28 1.60
C2 ME6 B 7 -6.74 -5.48 1.96
N3 ME6 B 7 -5.81 -6.18 1.35
C20 ME6 B 7 -5.05 -5.53 0.28
C4 ME6 B 7 -5.57 -7.46 1.68
N4 ME6 B 7 -4.62 -8.13 1.01
C5 ME6 B 7 -6.31 -8.10 2.68
C6 ME6 B 7 -7.27 -7.33 3.34
N1 ME6 B 7 -7.48 -6.06 2.99
C1' ME6 B 7 -8.48 -5.23 3.71
O4' ME6 B 7 -8.39 -5.59 5.09
C2' ME6 B 7 -9.94 -5.42 3.37
C3' ME6 B 7 -10.56 -4.97 4.69
O3' ME6 B 7 -10.39 -3.58 4.75
C4' ME6 B 7 -9.62 -5.40 5.80
C5' ME6 B 7 -10.00 -6.69 6.55
O5' ME6 B 7 -10.10 -7.74 5.61
P ME6 B 7 -9.68 -9.29 5.74
O2P ME6 B 7 -10.18 -10.04 4.58
O1P ME6 B 7 -8.19 -9.40 5.95
CA XL3 D . -12.66 -1.46 13.01
CB XL3 D . -11.75 -2.30 12.11
CC XL3 D . -10.76 -1.35 11.43
SG XL3 D . -11.55 -0.46 10.05
#